data_9UBF
#
_entry.id   9UBF
#
_cell.length_a   105.260
_cell.length_b   105.260
_cell.length_c   63.100
_cell.angle_alpha   90.00
_cell.angle_beta   90.00
_cell.angle_gamma   120.00
#
_symmetry.space_group_name_H-M   'H 3'
#
loop_
_entity.id
_entity.type
_entity.pdbx_description
1 polymer 'Cell wall hydrolase Tn916-like,CTn7-Orf16'
2 water water
#
_entity_poly.entity_id   1
_entity_poly.type   'polypeptide(L)'
_entity_poly.pdbx_seq_one_letter_code
;MNHKVHHHHHHMVLGELAQKVMNEALKYQGWKYVYGGSNPNTSFD(OCS)SGLTQWCYGKAGISLPRTAQ(MHO)QYDAT
QHLPLSQAKAGDLVFFHSTYNAGSYVTHVGIYVGNNQMYHAGDPIGYTDLSSSYWQQHLIGAGRVKQ
;
_entity_poly.pdbx_strand_id   A,B
#
# COMPACT_ATOMS: atom_id res chain seq x y z
N GLU A 16 3.45 10.66 20.19
CA GLU A 16 2.40 10.87 21.19
C GLU A 16 1.14 10.05 20.87
N LEU A 17 0.75 10.05 19.60
CA LEU A 17 -0.41 9.31 19.14
C LEU A 17 -0.35 7.84 19.55
N ALA A 18 0.80 7.21 19.30
CA ALA A 18 0.92 5.79 19.59
C ALA A 18 0.69 5.51 21.06
N GLN A 19 1.29 6.34 21.91
CA GLN A 19 1.15 6.17 23.36
CA GLN A 19 1.15 6.13 23.36
C GLN A 19 -0.30 6.29 23.79
N LYS A 20 -1.02 7.25 23.21
CA LYS A 20 -2.43 7.45 23.56
C LYS A 20 -3.30 6.29 23.09
N VAL A 21 -3.13 5.88 21.83
CA VAL A 21 -3.93 4.78 21.29
C VAL A 21 -3.68 3.51 22.09
N MET A 22 -2.42 3.19 22.34
CA MET A 22 -2.06 1.95 23.03
C MET A 22 -2.37 1.99 24.52
N ASN A 23 -2.31 3.15 25.16
CA ASN A 23 -2.75 3.20 26.55
C ASN A 23 -4.20 2.72 26.66
N GLU A 24 -5.02 3.11 25.69
CA GLU A 24 -6.40 2.64 25.62
C GLU A 24 -6.45 1.17 25.23
N ALA A 25 -5.75 0.80 24.14
CA ALA A 25 -5.91 -0.54 23.61
C ALA A 25 -5.49 -1.60 24.63
N LEU A 26 -4.47 -1.31 25.43
CA LEU A 26 -3.97 -2.27 26.40
C LEU A 26 -5.00 -2.64 27.45
N LYS A 27 -6.03 -1.81 27.66
CA LYS A 27 -7.05 -2.15 28.63
C LYS A 27 -7.80 -3.42 28.23
N TYR A 28 -7.80 -3.76 26.94
CA TYR A 28 -8.56 -4.87 26.38
C TYR A 28 -7.68 -6.06 26.04
N GLN A 29 -6.45 -6.09 26.52
CA GLN A 29 -5.57 -7.21 26.25
C GLN A 29 -6.14 -8.51 26.84
N GLY A 30 -6.25 -9.53 26.01
CA GLY A 30 -6.81 -10.81 26.42
C GLY A 30 -8.31 -10.93 26.27
N TRP A 31 -9.00 -9.87 25.89
CA TRP A 31 -10.44 -9.92 25.75
C TRP A 31 -10.86 -10.72 24.54
N LYS A 32 -12.14 -11.13 24.53
CA LYS A 32 -12.66 -11.92 23.43
C LYS A 32 -13.04 -11.02 22.28
N TYR A 33 -12.74 -11.47 21.06
CA TYR A 33 -13.25 -10.81 19.87
C TYR A 33 -14.76 -10.93 19.82
N VAL A 34 -15.43 -9.85 19.44
CA VAL A 34 -16.88 -9.87 19.28
C VAL A 34 -17.20 -9.19 17.96
N TYR A 35 -17.87 -9.92 17.06
CA TYR A 35 -18.18 -9.35 15.76
C TYR A 35 -19.14 -8.18 15.96
N GLY A 36 -18.87 -7.07 15.29
CA GLY A 36 -19.73 -5.89 15.43
C GLY A 36 -19.38 -4.99 16.60
N GLY A 37 -18.44 -5.42 17.43
CA GLY A 37 -18.10 -4.65 18.65
C GLY A 37 -17.27 -3.41 18.37
N SER A 38 -17.66 -2.29 18.96
CA SER A 38 -16.92 -1.02 18.78
C SER A 38 -16.78 -0.22 20.09
N ASN A 39 -17.10 -0.82 21.26
CA ASN A 39 -16.84 -0.10 22.49
C ASN A 39 -16.56 -1.09 23.62
N PRO A 40 -15.96 -0.62 24.72
CA PRO A 40 -15.66 -1.52 25.84
C PRO A 40 -16.86 -2.28 26.38
N ASN A 41 -18.07 -1.72 26.35
CA ASN A 41 -19.24 -2.42 26.86
C ASN A 41 -19.51 -3.72 26.13
N THR A 42 -19.18 -3.79 24.84
CA THR A 42 -19.43 -4.98 24.04
C THR A 42 -18.19 -5.79 23.77
N SER A 43 -17.00 -5.23 23.97
CA SER A 43 -15.77 -5.71 23.34
C SER A 43 -15.82 -5.45 21.84
N PHE A 44 -14.81 -5.94 21.11
CA PHE A 44 -14.44 -5.31 19.85
C PHE A 44 -14.24 -6.32 18.75
N ASP A 45 -14.49 -5.86 17.52
CA ASP A 45 -13.95 -6.47 16.32
C ASP A 45 -12.70 -5.68 15.89
N OCS A 46 -12.07 -6.06 14.79
CA OCS A 46 -10.78 -5.45 14.44
CB OCS A 46 -10.18 -6.13 13.20
SG OCS A 46 -11.26 -6.36 11.78
C OCS A 46 -10.84 -3.95 14.25
O OCS A 46 -10.04 -3.21 14.81
OD1 OCS A 46 -10.56 -6.16 10.58
OD2 OCS A 46 -11.69 -7.71 11.87
OD3 OCS A 46 -12.45 -5.59 11.87
N SER A 47 -11.81 -3.51 13.45
CA SER A 47 -11.93 -2.10 13.16
C SER A 47 -12.75 -1.34 14.22
N GLY A 48 -13.46 -2.08 15.06
CA GLY A 48 -14.07 -1.46 16.22
C GLY A 48 -13.02 -1.10 17.26
N LEU A 49 -12.03 -1.98 17.43
CA LEU A 49 -10.94 -1.67 18.36
C LEU A 49 -10.19 -0.42 17.91
N THR A 50 -9.78 -0.39 16.64
CA THR A 50 -9.06 0.79 16.17
C THR A 50 -9.91 2.07 16.22
N GLN A 51 -11.17 2.00 15.80
CA GLN A 51 -12.00 3.20 15.87
C GLN A 51 -12.11 3.73 17.30
N TRP A 52 -12.38 2.82 18.26
CA TRP A 52 -12.50 3.25 19.65
C TRP A 52 -11.21 3.87 20.17
N CYS A 53 -10.10 3.16 20.01
CA CYS A 53 -8.84 3.62 20.59
C CYS A 53 -8.32 4.90 19.94
N TYR A 54 -8.41 4.99 18.61
CA TYR A 54 -8.04 6.25 17.98
C TYR A 54 -8.96 7.37 18.41
N GLY A 55 -10.25 7.06 18.62
CA GLY A 55 -11.19 8.05 19.11
C GLY A 55 -10.75 8.62 20.45
N LYS A 56 -10.23 7.77 21.33
CA LYS A 56 -9.81 8.25 22.65
C LYS A 56 -8.63 9.18 22.53
N ALA A 57 -7.87 9.05 21.44
CA ALA A 57 -6.66 9.79 21.19
C ALA A 57 -6.95 11.02 20.36
N GLY A 58 -8.21 11.22 20.01
CA GLY A 58 -8.69 12.41 19.32
C GLY A 58 -8.71 12.30 17.81
N ILE A 59 -8.62 11.09 17.27
CA ILE A 59 -8.71 10.85 15.84
C ILE A 59 -10.02 10.15 15.53
N SER A 60 -10.79 10.70 14.60
CA SER A 60 -12.05 10.11 14.17
C SER A 60 -11.78 9.14 13.02
N LEU A 61 -12.06 7.83 13.23
CA LEU A 61 -11.96 6.90 12.12
C LEU A 61 -13.34 6.36 11.74
N PRO A 62 -13.52 6.00 10.48
CA PRO A 62 -14.74 5.31 10.06
C PRO A 62 -14.77 3.87 10.57
N ARG A 63 -15.92 3.23 10.43
CA ARG A 63 -16.17 1.93 11.11
C ARG A 63 -15.50 0.70 10.52
N THR A 64 -15.40 0.57 9.20
CA THR A 64 -14.91 -0.70 8.68
C THR A 64 -13.41 -0.62 8.39
N ALA A 65 -12.79 -1.81 8.29
CA ALA A 65 -11.38 -1.90 7.94
C ALA A 65 -11.10 -1.27 6.58
N GLN A 66 -11.96 -1.55 5.60
CA GLN A 66 -11.83 -0.95 4.27
C GLN A 66 -11.94 0.56 4.32
N MHO A 67 -12.91 1.09 5.06
CA MHO A 67 -13.07 2.53 5.17
CB MHO A 67 -14.36 2.95 5.91
CG MHO A 67 -15.56 2.64 5.07
SD MHO A 67 -17.06 2.87 6.00
CE MHO A 67 -17.15 4.59 6.11
C MHO A 67 -11.86 3.21 5.83
O MHO A 67 -11.39 4.30 5.48
OD1 MHO A 67 -16.85 2.34 7.37
N GLN A 68 -11.30 2.53 6.84
CA GLN A 68 -10.11 3.01 7.50
C GLN A 68 -8.92 2.99 6.56
N TYR A 69 -8.80 1.93 5.74
CA TYR A 69 -7.75 1.92 4.72
C TYR A 69 -7.88 3.14 3.81
N ASP A 70 -9.10 3.43 3.36
CA ASP A 70 -9.31 4.50 2.39
C ASP A 70 -9.17 5.90 3.00
N ALA A 71 -9.16 6.00 4.33
CA ALA A 71 -8.96 7.25 5.05
C ALA A 71 -7.52 7.50 5.45
N THR A 72 -6.59 6.59 5.16
CA THR A 72 -5.21 6.76 5.55
C THR A 72 -4.31 6.95 4.33
N GLN A 73 -3.09 7.43 4.61
CA GLN A 73 -2.04 7.55 3.57
C GLN A 73 -1.17 6.31 3.74
N HIS A 74 -0.82 5.64 2.65
CA HIS A 74 -0.23 4.32 2.74
C HIS A 74 1.29 4.34 2.56
N LEU A 75 1.92 3.36 3.19
CA LEU A 75 3.37 3.28 3.26
C LEU A 75 3.74 1.84 3.59
N PRO A 76 4.94 1.40 3.23
CA PRO A 76 5.34 0.02 3.53
C PRO A 76 5.57 -0.17 5.02
N LEU A 77 5.52 -1.43 5.41
CA LEU A 77 5.80 -1.75 6.81
C LEU A 77 7.18 -1.27 7.23
N SER A 78 8.15 -1.31 6.30
CA SER A 78 9.51 -0.87 6.61
C SER A 78 9.59 0.61 7.00
N GLN A 79 8.61 1.42 6.62
CA GLN A 79 8.58 2.84 6.95
C GLN A 79 7.60 3.14 8.08
N ALA A 80 6.79 2.15 8.46
CA ALA A 80 5.72 2.38 9.43
C ALA A 80 6.30 2.73 10.80
N LYS A 81 5.54 3.54 11.53
CA LYS A 81 5.89 3.92 12.89
C LYS A 81 4.76 3.49 13.80
N ALA A 82 5.07 3.31 15.08
CA ALA A 82 4.03 2.95 16.02
C ALA A 82 2.89 3.96 15.94
N GLY A 83 1.66 3.46 15.92
CA GLY A 83 0.49 4.30 15.78
C GLY A 83 -0.02 4.39 14.36
N ASP A 84 0.76 3.92 13.39
CA ASP A 84 0.19 3.66 12.07
C ASP A 84 -0.70 2.42 12.15
N LEU A 85 -1.64 2.32 11.23
CA LEU A 85 -2.47 1.14 11.09
C LEU A 85 -1.81 0.18 10.10
N VAL A 86 -2.14 -1.10 10.21
CA VAL A 86 -1.68 -2.12 9.27
C VAL A 86 -2.90 -2.85 8.72
N PHE A 87 -2.93 -3.03 7.40
CA PHE A 87 -4.08 -3.59 6.72
C PHE A 87 -3.70 -4.84 5.95
N PHE A 88 -4.69 -5.72 5.79
CA PHE A 88 -4.49 -7.04 5.22
C PHE A 88 -5.63 -7.37 4.27
N HIS A 89 -5.34 -8.23 3.32
CA HIS A 89 -6.33 -8.80 2.42
C HIS A 89 -6.49 -10.30 2.63
N SER A 90 -7.55 -10.84 2.03
CA SER A 90 -7.83 -12.27 1.88
C SER A 90 -7.78 -13.07 3.18
N THR A 91 -8.08 -12.43 4.31
CA THR A 91 -8.11 -13.19 5.57
C THR A 91 -9.43 -13.89 5.82
N TYR A 92 -10.50 -13.48 5.16
CA TYR A 92 -11.77 -14.20 5.16
C TYR A 92 -12.52 -13.86 3.87
N ASN A 93 -13.68 -14.49 3.68
CA ASN A 93 -14.52 -14.32 2.49
C ASN A 93 -15.28 -13.00 2.58
N ALA A 94 -14.79 -11.97 1.88
CA ALA A 94 -15.33 -10.63 2.01
C ALA A 94 -15.51 -10.00 0.64
N GLY A 95 -16.46 -9.06 0.57
CA GLY A 95 -16.65 -8.30 -0.66
C GLY A 95 -15.53 -7.30 -0.88
N SER A 96 -15.05 -6.69 0.19
CA SER A 96 -14.02 -5.69 0.10
CA SER A 96 -14.02 -5.68 0.12
C SER A 96 -12.64 -6.32 0.06
N TYR A 97 -11.69 -5.59 -0.54
CA TYR A 97 -10.32 -6.07 -0.62
C TYR A 97 -9.68 -6.12 0.76
N VAL A 98 -9.86 -5.08 1.55
CA VAL A 98 -9.31 -5.05 2.91
C VAL A 98 -10.20 -5.88 3.82
N THR A 99 -9.59 -6.88 4.47
CA THR A 99 -10.29 -7.82 5.34
C THR A 99 -9.88 -7.72 6.80
N HIS A 100 -8.79 -7.02 7.11
CA HIS A 100 -8.38 -6.93 8.51
C HIS A 100 -7.55 -5.67 8.73
N VAL A 101 -7.65 -5.13 9.95
CA VAL A 101 -6.80 -4.01 10.37
C VAL A 101 -6.29 -4.26 11.78
N GLY A 102 -5.10 -3.73 12.06
CA GLY A 102 -4.52 -3.73 13.39
C GLY A 102 -3.66 -2.49 13.57
N ILE A 103 -3.09 -2.34 14.76
CA ILE A 103 -2.30 -1.18 15.14
C ILE A 103 -0.83 -1.57 15.11
N TYR A 104 -0.02 -0.85 14.34
CA TYR A 104 1.42 -1.08 14.40
C TYR A 104 2.00 -0.52 15.68
N VAL A 105 2.83 -1.31 16.36
CA VAL A 105 3.42 -0.88 17.62
C VAL A 105 4.94 -0.93 17.59
N GLY A 106 5.52 -0.94 16.41
CA GLY A 106 6.96 -1.01 16.26
C GLY A 106 7.49 -2.43 16.24
N ASN A 107 8.73 -2.56 15.76
CA ASN A 107 9.49 -3.81 15.83
C ASN A 107 8.74 -4.99 15.19
N ASN A 108 8.05 -4.72 14.09
CA ASN A 108 7.34 -5.74 13.33
C ASN A 108 6.20 -6.36 14.13
N GLN A 109 5.67 -5.65 15.11
CA GLN A 109 4.57 -6.19 15.89
C GLN A 109 3.33 -5.34 15.67
N MET A 110 2.17 -5.98 15.79
CA MET A 110 0.91 -5.27 15.78
C MET A 110 0.07 -5.71 16.96
N TYR A 111 -0.83 -4.82 17.36
CA TYR A 111 -1.85 -5.11 18.36
C TYR A 111 -3.20 -5.05 17.68
N HIS A 112 -3.97 -6.11 17.88
CA HIS A 112 -5.22 -6.18 17.09
C HIS A 112 -6.25 -7.11 17.70
N ALA A 113 -7.47 -6.99 17.20
CA ALA A 113 -8.54 -7.94 17.50
C ALA A 113 -8.72 -8.74 16.22
N GLY A 114 -8.15 -9.95 16.14
CA GLY A 114 -7.42 -10.60 17.22
C GLY A 114 -8.32 -11.33 18.19
N ASP A 115 -8.07 -12.62 18.39
CA ASP A 115 -8.88 -13.37 19.34
C ASP A 115 -7.98 -14.39 20.02
N PRO A 116 -7.61 -14.18 21.30
CA PRO A 116 -7.96 -12.98 22.07
C PRO A 116 -7.27 -11.71 21.55
N ILE A 117 -7.78 -10.56 21.96
CA ILE A 117 -7.19 -9.29 21.55
C ILE A 117 -5.78 -9.19 22.11
N GLY A 118 -4.83 -8.73 21.30
CA GLY A 118 -3.47 -8.59 21.79
C GLY A 118 -2.46 -8.50 20.66
N TYR A 119 -1.21 -8.79 21.03
CA TYR A 119 -0.08 -8.64 20.14
C TYR A 119 0.10 -9.85 19.23
N THR A 120 0.62 -9.58 18.04
CA THR A 120 1.08 -10.58 17.09
C THR A 120 2.29 -10.05 16.34
N ASP A 121 3.16 -10.96 15.90
CA ASP A 121 4.39 -10.60 15.20
C ASP A 121 4.18 -10.66 13.69
N LEU A 122 4.32 -9.50 13.03
CA LEU A 122 4.09 -9.34 11.58
C LEU A 122 5.18 -9.97 10.72
N SER A 123 6.31 -10.36 11.29
CA SER A 123 7.35 -11.00 10.49
C SER A 123 6.91 -12.32 9.89
N SER A 124 5.88 -12.96 10.46
CA SER A 124 5.47 -14.29 10.04
C SER A 124 5.08 -14.31 8.57
N SER A 125 5.30 -15.45 7.92
CA SER A 125 4.88 -15.61 6.53
C SER A 125 3.38 -15.33 6.34
N TYR A 126 2.54 -15.73 7.31
CA TYR A 126 1.12 -15.49 7.16
C TYR A 126 0.83 -13.99 7.05
N TRP A 127 1.35 -13.19 7.98
CA TRP A 127 1.07 -11.77 7.91
C TRP A 127 1.73 -11.12 6.69
N GLN A 128 2.95 -11.55 6.35
CA GLN A 128 3.64 -10.98 5.19
C GLN A 128 2.86 -11.21 3.91
N GLN A 129 2.23 -12.38 3.77
CA GLN A 129 1.53 -12.73 2.55
C GLN A 129 0.11 -12.19 2.48
N HIS A 130 -0.47 -11.79 3.62
CA HIS A 130 -1.76 -11.13 3.60
C HIS A 130 -1.65 -9.62 3.68
N LEU A 131 -0.45 -9.10 3.92
CA LEU A 131 -0.26 -7.66 4.08
C LEU A 131 -0.71 -6.92 2.83
N ILE A 132 -1.39 -5.80 3.05
CA ILE A 132 -1.57 -4.79 2.01
C ILE A 132 -0.53 -3.70 2.19
N GLY A 133 -0.42 -3.19 3.39
CA GLY A 133 0.48 -2.10 3.69
C GLY A 133 0.05 -1.44 4.98
N ALA A 134 0.82 -0.43 5.36
CA ALA A 134 0.47 0.37 6.51
C ALA A 134 -0.21 1.67 6.07
N GLY A 135 -0.91 2.29 7.01
CA GLY A 135 -1.58 3.55 6.75
C GLY A 135 -1.36 4.51 7.89
N ARG A 136 -1.03 5.75 7.55
CA ARG A 136 -0.85 6.81 8.56
C ARG A 136 -2.13 7.65 8.66
N VAL A 137 -2.58 7.93 9.88
CA VAL A 137 -3.82 8.66 10.07
C VAL A 137 -3.58 10.15 9.95
N LYS A 138 -4.65 10.88 9.66
CA LYS A 138 -4.56 12.23 9.08
C LYS A 138 -3.97 13.24 10.06
N LEU B 14 8.23 -13.79 -19.66
CA LEU B 14 7.30 -13.17 -18.66
C LEU B 14 5.88 -13.59 -18.97
N GLY B 15 4.92 -13.24 -18.09
CA GLY B 15 3.51 -13.49 -18.39
C GLY B 15 3.08 -12.62 -19.55
N GLU B 16 1.90 -12.88 -20.10
CA GLU B 16 1.49 -12.14 -21.32
C GLU B 16 1.49 -10.63 -21.03
N LEU B 17 0.80 -10.20 -19.97
CA LEU B 17 0.71 -8.76 -19.74
C LEU B 17 2.10 -8.14 -19.62
N ALA B 18 2.94 -8.72 -18.78
CA ALA B 18 4.26 -8.16 -18.52
C ALA B 18 5.10 -8.11 -19.80
N GLN B 19 5.08 -9.19 -20.58
CA GLN B 19 5.78 -9.24 -21.85
C GLN B 19 5.32 -8.13 -22.79
N LYS B 20 3.99 -7.97 -22.95
CA LYS B 20 3.46 -6.94 -23.83
C LYS B 20 3.89 -5.57 -23.36
N VAL B 21 3.81 -5.33 -22.05
CA VAL B 21 4.10 -4.02 -21.50
C VAL B 21 5.57 -3.69 -21.72
N MET B 22 6.44 -4.64 -21.40
CA MET B 22 7.87 -4.38 -21.47
C MET B 22 8.35 -4.31 -22.92
N ASN B 23 7.75 -5.09 -23.81
CA ASN B 23 8.11 -4.98 -25.23
C ASN B 23 7.95 -3.54 -25.66
N GLU B 24 6.80 -2.94 -25.32
CA GLU B 24 6.55 -1.55 -25.66
C GLU B 24 7.49 -0.61 -24.90
N ALA B 25 7.59 -0.80 -23.57
CA ALA B 25 8.37 0.12 -22.75
C ALA B 25 9.83 0.20 -23.21
N LEU B 26 10.41 -0.93 -23.64
CA LEU B 26 11.81 -0.95 -24.03
C LEU B 26 12.11 -0.21 -25.33
N LYS B 27 11.09 0.15 -26.10
CA LYS B 27 11.30 1.02 -27.26
C LYS B 27 11.88 2.36 -26.83
N TYR B 28 11.60 2.79 -25.60
CA TYR B 28 11.96 4.11 -25.12
C TYR B 28 13.12 4.09 -24.14
N GLN B 29 13.86 2.97 -24.04
CA GLN B 29 15.01 2.94 -23.15
C GLN B 29 16.02 4.00 -23.58
N GLY B 30 16.49 4.79 -22.63
CA GLY B 30 17.47 5.81 -22.89
C GLY B 30 16.87 7.11 -23.39
N TRP B 31 15.55 7.17 -23.59
CA TRP B 31 14.92 8.42 -24.00
C TRP B 31 14.91 9.42 -22.85
N LYS B 32 14.80 10.69 -23.23
CA LYS B 32 14.72 11.77 -22.25
C LYS B 32 13.33 11.85 -21.62
N TYR B 33 13.31 12.12 -20.32
CA TYR B 33 12.07 12.43 -19.62
C TYR B 33 11.51 13.75 -20.15
N VAL B 34 10.20 13.79 -20.38
CA VAL B 34 9.54 15.00 -20.85
C VAL B 34 8.28 15.20 -20.02
N TYR B 35 8.29 16.24 -19.19
CA TYR B 35 7.12 16.57 -18.37
C TYR B 35 5.89 16.81 -19.23
N GLY B 36 4.80 16.11 -18.90
CA GLY B 36 3.62 16.20 -19.71
C GLY B 36 3.51 15.19 -20.83
N GLY B 37 4.59 14.47 -21.13
CA GLY B 37 4.61 13.62 -22.30
C GLY B 37 3.85 12.32 -22.07
N SER B 38 3.01 11.95 -23.04
CA SER B 38 2.14 10.75 -22.89
C SER B 38 2.11 9.90 -24.17
N ASN B 39 2.98 10.20 -25.13
CA ASN B 39 2.97 9.47 -26.42
C ASN B 39 4.37 9.52 -27.02
N PRO B 40 4.69 8.59 -27.95
CA PRO B 40 6.03 8.53 -28.50
C PRO B 40 6.48 9.81 -29.22
N ASN B 41 5.53 10.56 -29.78
CA ASN B 41 5.94 11.82 -30.41
C ASN B 41 6.61 12.78 -29.44
N THR B 42 6.13 12.83 -28.20
CA THR B 42 6.61 13.81 -27.24
C THR B 42 7.64 13.22 -26.27
N SER B 43 7.82 11.91 -26.28
CA SER B 43 8.42 11.20 -25.16
C SER B 43 7.52 11.32 -23.93
N PHE B 44 8.00 10.84 -22.79
CA PHE B 44 7.12 10.48 -21.68
C PHE B 44 7.55 11.11 -20.36
N ASP B 45 6.56 11.34 -19.51
CA ASP B 45 6.80 11.44 -18.08
C ASP B 45 6.47 10.12 -17.42
N OCS B 46 6.56 10.05 -16.10
CA OCS B 46 6.48 8.77 -15.42
CB OCS B 46 6.81 8.90 -13.93
SG OCS B 46 5.77 9.99 -12.96
C OCS B 46 5.16 7.99 -15.68
O OCS B 46 5.17 6.81 -16.04
OD1 OCS B 46 4.88 9.14 -12.26
OD2 OCS B 46 6.53 10.73 -11.99
OD3 OCS B 46 4.96 10.87 -13.74
N SER B 47 4.05 8.70 -15.53
CA SER B 47 2.73 8.07 -15.62
C SER B 47 2.24 8.10 -17.08
N GLY B 48 2.82 8.99 -17.89
CA GLY B 48 2.59 8.91 -19.31
C GLY B 48 3.17 7.64 -19.92
N LEU B 49 4.39 7.27 -19.49
CA LEU B 49 4.99 6.01 -19.94
C LEU B 49 4.09 4.82 -19.59
N THR B 50 3.65 4.73 -18.34
CA THR B 50 2.86 3.57 -17.96
C THR B 50 1.51 3.60 -18.66
N GLN B 51 0.87 4.78 -18.75
CA GLN B 51 -0.42 4.83 -19.41
C GLN B 51 -0.28 4.32 -20.85
N TRP B 52 0.74 4.79 -21.57
CA TRP B 52 0.90 4.41 -22.97
C TRP B 52 1.18 2.91 -23.10
N CYS B 53 2.17 2.42 -22.35
CA CYS B 53 2.59 1.03 -22.49
C CYS B 53 1.48 0.07 -22.10
N TYR B 54 0.70 0.40 -21.07
CA TYR B 54 -0.35 -0.51 -20.66
C TYR B 54 -1.51 -0.43 -21.66
N GLY B 55 -1.70 0.74 -22.26
CA GLY B 55 -2.68 0.87 -23.32
C GLY B 55 -2.39 -0.06 -24.49
N LYS B 56 -1.10 -0.24 -24.81
CA LYS B 56 -0.72 -1.15 -25.89
C LYS B 56 -0.92 -2.60 -25.49
N ALA B 57 -1.03 -2.86 -24.21
CA ALA B 57 -1.29 -4.20 -23.69
C ALA B 57 -2.78 -4.42 -23.45
N GLY B 58 -3.61 -3.45 -23.84
CA GLY B 58 -5.04 -3.55 -23.69
C GLY B 58 -5.59 -3.12 -22.35
N ILE B 59 -4.81 -2.39 -21.55
CA ILE B 59 -5.22 -1.98 -20.22
C ILE B 59 -5.34 -0.46 -20.21
N SER B 60 -6.50 0.04 -19.80
CA SER B 60 -6.74 1.48 -19.70
C SER B 60 -6.35 2.00 -18.33
N LEU B 61 -5.36 2.90 -18.29
CA LEU B 61 -4.97 3.55 -17.05
C LEU B 61 -5.25 5.05 -17.15
N PRO B 62 -5.50 5.69 -16.02
CA PRO B 62 -5.61 7.14 -15.99
C PRO B 62 -4.27 7.84 -16.14
N ARG B 63 -4.29 9.16 -16.16
CA ARG B 63 -3.13 9.94 -16.60
C ARG B 63 -2.05 10.14 -15.54
N THR B 64 -2.41 10.43 -14.28
CA THR B 64 -1.42 10.79 -13.28
C THR B 64 -1.00 9.59 -12.44
N ALA B 65 0.15 9.75 -11.76
CA ALA B 65 0.62 8.69 -10.86
C ALA B 65 -0.38 8.43 -9.74
N GLN B 66 -0.94 9.48 -9.16
CA GLN B 66 -1.94 9.32 -8.09
C GLN B 66 -3.16 8.57 -8.61
N MHO B 67 -3.65 8.94 -9.78
CA MHO B 67 -4.82 8.28 -10.35
CB MHO B 67 -5.36 8.93 -11.63
CG MHO B 67 -5.89 10.30 -11.32
SD MHO B 67 -6.22 11.28 -12.74
CE MHO B 67 -7.75 10.61 -13.19
C MHO B 67 -4.53 6.81 -10.61
O MHO B 67 -5.33 5.89 -10.39
OD1 MHO B 67 -5.26 10.88 -13.80
N GLN B 68 -3.31 6.53 -11.08
CA GLN B 68 -2.91 5.16 -11.34
C GLN B 68 -2.83 4.37 -10.03
N TYR B 69 -2.29 5.00 -8.99
CA TYR B 69 -2.30 4.35 -7.68
C TYR B 69 -3.72 4.01 -7.28
N ASP B 70 -4.63 4.98 -7.41
CA ASP B 70 -6.00 4.78 -6.97
C ASP B 70 -6.74 3.76 -7.83
N ALA B 71 -6.22 3.45 -9.02
CA ALA B 71 -6.84 2.53 -9.96
C ALA B 71 -6.35 1.09 -9.80
N THR B 72 -5.41 0.85 -8.90
CA THR B 72 -4.81 -0.47 -8.80
C THR B 72 -5.08 -1.11 -7.44
N GLN B 73 -4.88 -2.42 -7.42
CA GLN B 73 -5.04 -3.21 -6.21
C GLN B 73 -3.69 -3.29 -5.50
N HIS B 74 -3.63 -2.76 -4.27
CA HIS B 74 -2.37 -2.51 -3.61
C HIS B 74 -1.83 -3.74 -2.88
N LEU B 75 -0.53 -3.98 -3.06
CA LEU B 75 0.14 -5.13 -2.39
C LEU B 75 1.61 -4.74 -2.23
N PRO B 76 2.32 -5.31 -1.26
CA PRO B 76 3.75 -5.00 -1.10
C PRO B 76 4.59 -5.71 -2.15
N LEU B 77 5.83 -5.24 -2.26
CA LEU B 77 6.74 -5.80 -3.26
C LEU B 77 6.94 -7.30 -3.08
N SER B 78 6.80 -7.79 -1.84
CA SER B 78 6.99 -9.22 -1.60
C SER B 78 5.93 -10.06 -2.30
N GLN B 79 4.80 -9.46 -2.65
CA GLN B 79 3.72 -10.15 -3.33
C GLN B 79 3.63 -9.75 -4.81
N ALA B 80 4.53 -8.88 -5.26
CA ALA B 80 4.43 -8.30 -6.60
C ALA B 80 5.12 -9.19 -7.62
N LYS B 81 4.76 -8.98 -8.88
CA LYS B 81 5.45 -9.67 -9.96
C LYS B 81 5.65 -8.68 -11.09
N ALA B 82 6.48 -9.08 -12.05
CA ALA B 82 6.76 -8.18 -13.17
C ALA B 82 5.45 -7.82 -13.83
N GLY B 83 5.30 -6.54 -14.17
CA GLY B 83 4.06 -6.06 -14.74
C GLY B 83 3.11 -5.43 -13.76
N ASP B 84 3.31 -5.65 -12.47
CA ASP B 84 2.66 -4.77 -11.52
C ASP B 84 3.32 -3.40 -11.61
N LEU B 85 2.60 -2.36 -11.19
CA LEU B 85 3.15 -1.02 -11.04
C LEU B 85 3.74 -0.86 -9.65
N VAL B 86 4.64 0.11 -9.49
CA VAL B 86 5.18 0.43 -8.19
CA VAL B 86 5.27 0.45 -8.21
C VAL B 86 5.13 1.94 -8.00
N PHE B 87 4.78 2.36 -6.78
CA PHE B 87 4.44 3.74 -6.49
C PHE B 87 5.25 4.30 -5.34
N PHE B 88 5.44 5.63 -5.37
CA PHE B 88 6.33 6.34 -4.48
C PHE B 88 5.67 7.62 -4.01
N HIS B 89 6.08 8.08 -2.84
CA HIS B 89 5.67 9.36 -2.28
C HIS B 89 6.90 10.24 -2.08
N SER B 90 6.67 11.53 -1.87
CA SER B 90 7.65 12.50 -1.39
C SER B 90 8.78 12.80 -2.37
N GLY B 95 1.64 18.52 -4.05
CA GLY B 95 0.26 18.24 -4.36
C GLY B 95 -0.24 16.93 -3.79
N SER B 96 -0.41 15.92 -4.66
CA SER B 96 -0.91 14.63 -4.25
C SER B 96 0.16 13.84 -3.51
N TYR B 97 -0.31 12.87 -2.72
CA TYR B 97 0.58 12.01 -1.94
C TYR B 97 1.48 11.17 -2.84
N VAL B 98 0.90 10.55 -3.86
CA VAL B 98 1.64 9.70 -4.78
C VAL B 98 2.35 10.59 -5.80
N THR B 99 3.68 10.47 -5.84
CA THR B 99 4.53 11.38 -6.63
C THR B 99 5.24 10.72 -7.80
N HIS B 100 5.19 9.39 -7.91
CA HIS B 100 5.94 8.72 -8.97
C HIS B 100 5.40 7.31 -9.14
N VAL B 101 5.44 6.82 -10.39
CA VAL B 101 5.11 5.44 -10.71
C VAL B 101 6.15 4.88 -11.66
N GLY B 102 6.40 3.58 -11.53
CA GLY B 102 7.19 2.82 -12.49
C GLY B 102 6.62 1.42 -12.65
N ILE B 103 7.30 0.61 -13.47
CA ILE B 103 6.85 -0.73 -13.80
C ILE B 103 7.76 -1.70 -13.06
N TYR B 104 7.20 -2.52 -12.18
CA TYR B 104 8.00 -3.54 -11.51
C TYR B 104 8.39 -4.63 -12.49
N VAL B 105 9.67 -5.04 -12.45
CA VAL B 105 10.15 -6.06 -13.37
C VAL B 105 10.80 -7.22 -12.61
N GLY B 106 10.53 -7.35 -11.32
CA GLY B 106 11.08 -8.46 -10.58
C GLY B 106 12.45 -8.10 -10.01
N ASN B 107 12.87 -8.86 -9.01
CA ASN B 107 14.25 -8.78 -8.53
C ASN B 107 14.55 -7.41 -7.96
N ASN B 108 13.54 -6.76 -7.36
CA ASN B 108 13.74 -5.48 -6.69
C ASN B 108 14.17 -4.39 -7.67
N GLN B 109 13.74 -4.54 -8.92
CA GLN B 109 14.07 -3.61 -9.99
C GLN B 109 12.80 -3.04 -10.58
N MET B 110 12.87 -1.79 -11.05
CA MET B 110 11.77 -1.27 -11.84
C MET B 110 12.32 -0.69 -13.14
N TYR B 111 11.40 -0.42 -14.04
CA TYR B 111 11.66 0.27 -15.31
C TYR B 111 10.72 1.46 -15.29
N HIS B 112 11.33 2.62 -15.46
CA HIS B 112 10.50 3.83 -15.32
C HIS B 112 11.08 5.05 -16.01
N ALA B 113 10.27 6.06 -16.13
CA ALA B 113 10.72 7.39 -16.53
C ALA B 113 10.77 8.20 -15.25
N GLY B 114 11.95 8.41 -14.66
CA GLY B 114 13.26 8.00 -15.19
C GLY B 114 13.84 8.99 -16.19
N ASP B 115 15.01 9.56 -15.89
CA ASP B 115 15.69 10.48 -16.81
C ASP B 115 17.16 10.13 -16.86
N PRO B 116 17.61 9.35 -17.85
CA PRO B 116 16.81 8.83 -18.96
C PRO B 116 15.91 7.65 -18.55
N ILE B 117 14.99 7.28 -19.45
CA ILE B 117 14.07 6.19 -19.19
C ILE B 117 14.85 4.88 -19.14
N GLY B 118 14.52 4.02 -18.19
CA GLY B 118 15.33 2.83 -18.00
C GLY B 118 15.14 2.20 -16.64
N TYR B 119 16.00 1.23 -16.36
CA TYR B 119 15.94 0.41 -15.15
C TYR B 119 16.60 1.10 -13.98
N THR B 120 16.09 0.83 -12.77
CA THR B 120 16.76 1.26 -11.56
CA THR B 120 16.75 1.25 -11.55
C THR B 120 16.53 0.20 -10.48
N ASP B 121 17.48 0.11 -9.55
CA ASP B 121 17.45 -0.84 -8.46
C ASP B 121 16.72 -0.23 -7.27
N LEU B 122 15.64 -0.88 -6.84
CA LEU B 122 14.86 -0.35 -5.73
C LEU B 122 15.48 -0.61 -4.36
N SER B 123 16.59 -1.37 -4.32
CA SER B 123 17.31 -1.63 -3.08
C SER B 123 17.85 -0.37 -2.43
N SER B 124 18.03 0.70 -3.21
CA SER B 124 18.74 1.87 -2.72
C SER B 124 17.99 2.51 -1.56
N SER B 125 18.74 3.21 -0.71
CA SER B 125 18.13 3.97 0.37
C SER B 125 17.09 4.94 -0.16
N TYR B 126 17.38 5.62 -1.27
CA TYR B 126 16.47 6.61 -1.82
C TYR B 126 15.11 5.96 -2.12
N TRP B 127 15.12 4.89 -2.90
CA TRP B 127 13.86 4.29 -3.32
C TRP B 127 13.13 3.68 -2.13
N GLN B 128 13.88 3.07 -1.21
CA GLN B 128 13.26 2.49 -0.02
C GLN B 128 12.56 3.55 0.81
N GLN B 129 13.13 4.76 0.90
CA GLN B 129 12.52 5.80 1.72
C GLN B 129 11.31 6.43 1.05
N HIS B 130 11.17 6.31 -0.27
CA HIS B 130 10.09 6.93 -0.99
C HIS B 130 9.02 5.94 -1.41
N LEU B 131 9.27 4.65 -1.23
CA LEU B 131 8.37 3.59 -1.65
C LEU B 131 7.02 3.71 -0.95
N ILE B 132 5.94 3.53 -1.70
CA ILE B 132 4.63 3.20 -1.13
C ILE B 132 4.43 1.69 -1.17
N GLY B 133 4.53 1.13 -2.36
CA GLY B 133 4.31 -0.29 -2.58
C GLY B 133 3.87 -0.51 -4.00
N ALA B 134 3.37 -1.71 -4.27
CA ALA B 134 2.99 -2.08 -5.62
C ALA B 134 1.48 -1.95 -5.83
N GLY B 135 1.09 -1.99 -7.10
CA GLY B 135 -0.31 -2.01 -7.48
C GLY B 135 -0.53 -2.90 -8.70
N ARG B 136 -1.51 -3.80 -8.61
CA ARG B 136 -1.85 -4.69 -9.70
C ARG B 136 -3.00 -4.08 -10.50
N VAL B 137 -2.86 -4.10 -11.82
CA VAL B 137 -3.89 -3.43 -12.66
C VAL B 137 -5.14 -4.29 -12.75
N LYS B 138 -6.26 -3.61 -12.93
CA LYS B 138 -7.55 -4.31 -13.13
C LYS B 138 -7.57 -4.82 -14.57
#